data_4JEN
#
_entry.id   4JEN
#
_cell.length_a   177.948
_cell.length_b   104.006
_cell.length_c   40.225
_cell.angle_alpha   90.000
_cell.angle_beta   97.980
_cell.angle_gamma   90.000
#
_symmetry.space_group_name_H-M   'C 1 2 1'
#
loop_
_entity.id
_entity.type
_entity.pdbx_description
1 polymer 'CMP N-GLYCOSIDASE'
2 non-polymer 'PHOSPHATE ION'
3 water water
#
_entity_poly.entity_id   1
_entity_poly.type   'polypeptide(L)'
_entity_poly.pdbx_seq_one_letter_code
;MGSDKIHHHHHHSSGENLYFQGHMSKRVFLAAPFKGAIKEKQSIMKEQEKKRIEDLILFLEEKGWEVDNAHKREEWGANF
MSPDQCTKLDYDAIKECDLFIAFPGVPVSPGTHIEIGWASAMGKKIILLLAEKEENYAYLIRGLHTVSNVHYIIYNKEKE
YLQKLDLYLDGENNEV
;
_entity_poly.pdbx_strand_id   A,B,C
#
loop_
_chem_comp.id
_chem_comp.type
_chem_comp.name
_chem_comp.formula
PO4 non-polymer 'PHOSPHATE ION' 'O4 P -3'
#
# COMPACT_ATOMS: atom_id res chain seq x y z
N LYS A 26 -10.50 1.83 -17.71
CA LYS A 26 -9.52 2.89 -17.52
C LYS A 26 -10.05 4.01 -16.63
N ARG A 27 -10.03 3.79 -15.32
CA ARG A 27 -10.48 4.79 -14.37
C ARG A 27 -9.32 5.43 -13.62
N VAL A 28 -9.30 6.76 -13.57
CA VAL A 28 -8.28 7.51 -12.84
C VAL A 28 -8.88 8.23 -11.66
N PHE A 29 -8.26 8.08 -10.49
CA PHE A 29 -8.59 8.94 -9.37
C PHE A 29 -7.52 10.02 -9.23
N LEU A 30 -7.93 11.28 -9.36
CA LEU A 30 -7.03 12.40 -9.19
C LEU A 30 -7.23 13.03 -7.81
N ALA A 31 -6.28 12.79 -6.91
CA ALA A 31 -6.38 13.29 -5.54
C ALA A 31 -6.11 14.78 -5.48
N ALA A 32 -7.15 15.58 -5.72
CA ALA A 32 -7.03 17.04 -5.67
C ALA A 32 -8.40 17.68 -5.50
N ILE A 44 -6.69 36.15 -6.81
CA ILE A 44 -6.27 34.92 -6.13
C ILE A 44 -5.25 34.17 -6.98
N MET A 45 -4.44 33.33 -6.33
CA MET A 45 -3.43 32.55 -7.03
C MET A 45 -3.87 31.10 -7.17
N LYS A 46 -4.97 30.75 -6.50
CA LYS A 46 -5.53 29.40 -6.56
C LYS A 46 -6.01 29.05 -7.96
N GLU A 47 -6.13 30.06 -8.82
CA GLU A 47 -6.52 29.86 -10.21
C GLU A 47 -5.45 29.07 -10.96
N GLN A 48 -4.21 29.18 -10.52
CA GLN A 48 -3.12 28.41 -11.12
C GLN A 48 -3.30 26.93 -10.82
N GLU A 49 -3.81 26.62 -9.62
CA GLU A 49 -4.05 25.25 -9.22
C GLU A 49 -5.24 24.66 -9.97
N LYS A 50 -6.28 25.47 -10.15
CA LYS A 50 -7.47 25.03 -10.86
C LYS A 50 -7.16 24.78 -12.34
N LYS A 51 -6.32 25.64 -12.91
CA LYS A 51 -5.93 25.51 -14.31
C LYS A 51 -5.13 24.23 -14.54
N ARG A 52 -4.19 23.95 -13.64
CA ARG A 52 -3.33 22.78 -13.77
C ARG A 52 -4.11 21.47 -13.63
N ILE A 53 -5.19 21.50 -12.86
CA ILE A 53 -6.03 20.32 -12.67
C ILE A 53 -6.89 20.05 -13.91
N GLU A 54 -7.52 21.10 -14.43
CA GLU A 54 -8.34 20.98 -15.63
C GLU A 54 -7.53 20.54 -16.84
N ASP A 55 -6.28 20.99 -16.91
CA ASP A 55 -5.38 20.57 -17.98
C ASP A 55 -5.06 19.09 -17.84
N LEU A 56 -4.94 18.63 -16.61
CA LEU A 56 -4.59 17.23 -16.33
C LEU A 56 -5.74 16.28 -16.62
N ILE A 57 -6.95 16.67 -16.22
CA ILE A 57 -8.14 15.87 -16.48
C ILE A 57 -8.35 15.72 -17.99
N LEU A 58 -8.22 16.82 -18.70
CA LEU A 58 -8.29 16.83 -20.15
C LEU A 58 -7.24 15.92 -20.77
N PHE A 59 -6.02 16.04 -20.28
CA PHE A 59 -4.90 15.24 -20.76
C PHE A 59 -5.18 13.75 -20.57
N LEU A 60 -5.72 13.39 -19.42
CA LEU A 60 -6.03 12.01 -19.12
C LEU A 60 -7.17 11.48 -19.98
N GLU A 61 -8.24 12.27 -20.08
CA GLU A 61 -9.41 11.88 -20.86
C GLU A 61 -9.11 11.67 -22.33
N GLU A 62 -8.18 12.46 -22.86
CA GLU A 62 -7.80 12.37 -24.27
C GLU A 62 -6.90 11.17 -24.55
N LYS A 63 -6.43 10.52 -23.49
CA LYS A 63 -5.66 9.29 -23.62
C LYS A 63 -6.55 8.08 -23.34
N GLY A 64 -7.84 8.33 -23.20
CA GLY A 64 -8.82 7.26 -23.03
C GLY A 64 -9.15 6.93 -21.59
N TRP A 65 -8.72 7.79 -20.67
CA TRP A 65 -8.97 7.57 -19.25
C TRP A 65 -10.30 8.16 -18.79
N GLU A 66 -10.84 7.61 -17.71
CA GLU A 66 -12.06 8.13 -17.10
C GLU A 66 -11.75 8.63 -15.70
N VAL A 67 -11.82 9.94 -15.51
CA VAL A 67 -11.50 10.56 -14.23
C VAL A 67 -12.69 10.48 -13.27
N ASP A 68 -12.46 9.92 -12.08
CA ASP A 68 -13.50 9.79 -11.07
C ASP A 68 -13.61 11.08 -10.26
N ASN A 69 -13.32 12.20 -10.91
CA ASN A 69 -13.22 13.50 -10.25
C ASN A 69 -12.48 13.50 -8.91
N ASN A 79 -23.35 19.85 -5.27
CA ASN A 79 -22.39 20.67 -4.55
C ASN A 79 -22.66 20.73 -3.05
N PHE A 80 -23.73 20.08 -2.63
CA PHE A 80 -24.09 20.01 -1.21
C PHE A 80 -23.79 18.62 -0.67
N MET A 81 -22.65 18.49 0.00
CA MET A 81 -22.20 17.18 0.47
C MET A 81 -21.57 17.23 1.86
N SER A 82 -21.90 16.24 2.68
CA SER A 82 -21.34 16.13 4.02
C SER A 82 -20.00 15.40 4.00
N PRO A 83 -19.16 15.63 5.03
CA PRO A 83 -17.89 14.91 5.18
C PRO A 83 -18.08 13.40 5.19
N ASP A 84 -19.22 12.93 5.71
CA ASP A 84 -19.54 11.51 5.74
C ASP A 84 -19.70 10.96 4.32
N GLN A 85 -20.31 11.76 3.44
CA GLN A 85 -20.56 11.34 2.07
C GLN A 85 -19.33 11.53 1.19
N CYS A 86 -18.62 12.65 1.39
CA CYS A 86 -17.42 12.94 0.63
C CYS A 86 -16.32 11.90 0.88
N THR A 87 -16.18 11.50 2.13
CA THR A 87 -15.19 10.49 2.51
C THR A 87 -15.59 9.14 1.92
N LYS A 88 -16.89 8.88 1.89
CA LYS A 88 -17.43 7.64 1.38
C LYS A 88 -17.23 7.54 -0.14
N LEU A 89 -17.42 8.66 -0.83
CA LEU A 89 -17.30 8.70 -2.28
C LEU A 89 -15.86 8.54 -2.76
N ASP A 90 -14.94 9.25 -2.11
CA ASP A 90 -13.52 9.18 -2.47
C ASP A 90 -12.97 7.78 -2.28
N TYR A 91 -13.31 7.15 -1.17
CA TYR A 91 -12.83 5.81 -0.84
C TYR A 91 -13.24 4.80 -1.90
N ASP A 92 -14.51 4.83 -2.28
CA ASP A 92 -15.02 3.91 -3.29
C ASP A 92 -14.44 4.21 -4.67
N ALA A 93 -14.25 5.49 -4.97
CA ALA A 93 -13.67 5.89 -6.24
C ALA A 93 -12.23 5.40 -6.36
N ILE A 94 -11.49 5.49 -5.26
CA ILE A 94 -10.11 5.01 -5.21
C ILE A 94 -10.08 3.48 -5.25
N LYS A 95 -11.07 2.87 -4.58
CA LYS A 95 -11.20 1.42 -4.54
C LYS A 95 -11.45 0.86 -5.94
N GLU A 96 -12.14 1.64 -6.77
CA GLU A 96 -12.55 1.19 -8.10
C GLU A 96 -11.59 1.61 -9.21
N CYS A 97 -10.74 2.60 -8.93
CA CYS A 97 -9.83 3.11 -9.95
C CYS A 97 -8.74 2.11 -10.30
N ASP A 98 -8.09 2.32 -11.44
CA ASP A 98 -6.98 1.49 -11.87
C ASP A 98 -5.66 2.24 -11.73
N LEU A 99 -5.76 3.57 -11.68
CA LEU A 99 -4.58 4.42 -11.54
C LEU A 99 -4.84 5.55 -10.56
N PHE A 100 -3.86 5.82 -9.71
CA PHE A 100 -3.99 6.87 -8.70
C PHE A 100 -2.93 7.94 -8.90
N ILE A 101 -3.37 9.18 -9.06
CA ILE A 101 -2.45 10.30 -9.25
C ILE A 101 -2.68 11.37 -8.20
N ALA A 102 -1.60 11.82 -7.56
CA ALA A 102 -1.69 12.82 -6.49
C ALA A 102 -0.57 13.85 -6.56
N PHE A 103 -0.78 14.96 -5.86
CA PHE A 103 0.22 16.03 -5.80
C PHE A 103 0.68 16.29 -4.37
N PRO A 104 1.59 15.45 -3.85
CA PRO A 104 2.14 15.67 -2.51
C PRO A 104 2.99 16.94 -2.47
N GLY A 105 2.96 17.66 -1.36
CA GLY A 105 3.76 18.86 -1.21
C GLY A 105 3.34 19.77 -0.08
N VAL A 106 3.79 21.02 -0.15
CA VAL A 106 3.51 22.03 0.87
C VAL A 106 2.66 23.14 0.27
N PRO A 107 1.56 23.53 0.96
CA PRO A 107 1.08 23.05 2.27
C PRO A 107 0.51 21.64 2.22
N VAL A 108 0.81 20.86 3.25
CA VAL A 108 0.42 19.46 3.31
C VAL A 108 -1.09 19.29 3.43
N SER A 109 -1.69 18.62 2.46
CA SER A 109 -3.12 18.33 2.49
C SER A 109 -3.38 17.03 3.24
N PRO A 110 -4.15 17.12 4.34
CA PRO A 110 -4.50 15.94 5.14
C PRO A 110 -5.26 14.90 4.33
N GLY A 111 -6.27 15.35 3.58
CA GLY A 111 -7.10 14.46 2.80
C GLY A 111 -6.34 13.72 1.73
N THR A 112 -5.44 14.42 1.05
CA THR A 112 -4.64 13.83 -0.03
C THR A 112 -3.76 12.70 0.49
N HIS A 113 -3.09 12.95 1.60
CA HIS A 113 -2.19 11.96 2.18
C HIS A 113 -2.91 10.72 2.72
N ILE A 114 -4.12 10.92 3.21
CA ILE A 114 -4.96 9.80 3.64
C ILE A 114 -5.31 8.95 2.42
N GLU A 115 -5.69 9.62 1.34
CA GLU A 115 -6.03 8.94 0.10
C GLU A 115 -4.83 8.20 -0.49
N ILE A 116 -3.64 8.76 -0.30
CA ILE A 116 -2.41 8.09 -0.71
C ILE A 116 -2.24 6.82 0.10
N GLY A 117 -2.52 6.90 1.39
CA GLY A 117 -2.48 5.74 2.27
C GLY A 117 -3.52 4.72 1.87
N TRP A 118 -4.69 5.19 1.47
CA TRP A 118 -5.75 4.32 0.97
C TRP A 118 -5.29 3.55 -0.26
N ALA A 119 -4.80 4.28 -1.26
CA ALA A 119 -4.38 3.68 -2.52
C ALA A 119 -3.23 2.68 -2.36
N SER A 120 -2.26 3.04 -1.51
CA SER A 120 -1.09 2.19 -1.30
C SER A 120 -1.46 0.90 -0.58
N ALA A 121 -2.36 0.98 0.38
CA ALA A 121 -2.78 -0.19 1.14
C ALA A 121 -3.65 -1.13 0.31
N MET A 122 -4.42 -0.56 -0.61
CA MET A 122 -5.26 -1.35 -1.51
C MET A 122 -4.43 -2.00 -2.61
N GLY A 123 -3.21 -1.51 -2.79
CA GLY A 123 -2.33 -2.05 -3.81
C GLY A 123 -2.62 -1.46 -5.18
N LYS A 124 -3.06 -0.20 -5.19
CA LYS A 124 -3.35 0.49 -6.45
C LYS A 124 -2.08 0.98 -7.14
N LYS A 125 -2.22 1.35 -8.40
CA LYS A 125 -1.11 1.91 -9.17
C LYS A 125 -1.01 3.40 -8.91
N ILE A 126 0.05 3.81 -8.22
CA ILE A 126 0.18 5.19 -7.76
C ILE A 126 1.23 5.97 -8.56
N ILE A 127 0.85 7.18 -8.99
CA ILE A 127 1.80 8.11 -9.58
C ILE A 127 1.86 9.38 -8.75
N LEU A 128 3.04 9.67 -8.21
CA LEU A 128 3.22 10.85 -7.37
C LEU A 128 3.99 11.94 -8.09
N LEU A 129 3.34 13.09 -8.27
CA LEU A 129 3.97 14.22 -8.95
C LEU A 129 4.52 15.20 -7.93
N LEU A 130 5.84 15.16 -7.72
CA LEU A 130 6.48 16.01 -6.73
C LEU A 130 7.28 17.14 -7.36
N ALA A 131 7.10 18.35 -6.84
CA ALA A 131 7.87 19.50 -7.30
C ALA A 131 9.17 19.59 -6.52
N GLU A 132 10.27 19.89 -7.23
CA GLU A 132 11.57 20.04 -6.60
C GLU A 132 12.32 21.25 -7.16
N TYR A 137 11.18 15.90 0.96
CA TYR A 137 9.81 15.72 1.43
C TYR A 137 9.74 14.66 2.53
N ALA A 138 8.55 14.15 2.79
CA ALA A 138 8.31 13.19 3.87
C ALA A 138 9.03 11.86 3.64
N TYR A 139 9.37 11.19 4.73
CA TYR A 139 10.02 9.89 4.68
C TYR A 139 9.12 8.83 4.05
N LEU A 140 7.85 8.82 4.44
CA LEU A 140 6.90 7.82 3.97
C LEU A 140 6.53 8.03 2.51
N ILE A 141 6.72 9.25 2.01
CA ILE A 141 6.50 9.53 0.60
C ILE A 141 7.64 8.97 -0.24
N ARG A 142 8.87 9.25 0.18
CA ARG A 142 10.06 8.84 -0.55
C ARG A 142 10.29 7.33 -0.51
N GLY A 143 9.74 6.67 0.49
CA GLY A 143 9.91 5.23 0.65
C GLY A 143 8.65 4.44 0.39
N LEU A 144 7.63 5.11 -0.17
CA LEU A 144 6.34 4.49 -0.41
C LEU A 144 6.42 3.38 -1.47
N HIS A 145 7.42 3.49 -2.33
CA HIS A 145 7.58 2.56 -3.44
C HIS A 145 7.88 1.13 -2.98
N THR A 146 8.46 1.01 -1.79
CA THR A 146 8.83 -0.30 -1.26
C THR A 146 7.63 -1.08 -0.77
N VAL A 147 6.46 -0.44 -0.80
CA VAL A 147 5.26 -1.03 -0.21
C VAL A 147 4.14 -1.20 -1.22
N SER A 148 4.09 -0.32 -2.21
CA SER A 148 3.09 -0.40 -3.26
C SER A 148 3.68 0.08 -4.57
N ASN A 149 3.00 -0.22 -5.67
CA ASN A 149 3.47 0.19 -6.99
C ASN A 149 3.39 1.69 -7.15
N VAL A 150 4.51 2.36 -6.89
CA VAL A 150 4.56 3.82 -6.93
C VAL A 150 5.60 4.32 -7.93
N HIS A 151 5.17 5.22 -8.82
CA HIS A 151 6.08 5.83 -9.78
C HIS A 151 6.16 7.34 -9.54
N TYR A 152 7.37 7.83 -9.26
CA TYR A 152 7.56 9.24 -8.98
C TYR A 152 7.87 10.02 -10.26
N ILE A 153 7.34 11.24 -10.34
CA ILE A 153 7.65 12.14 -11.44
C ILE A 153 8.02 13.52 -10.89
N ILE A 154 9.29 13.86 -10.99
CA ILE A 154 9.78 15.13 -10.48
C ILE A 154 9.69 16.19 -11.56
N TYR A 155 9.18 17.37 -11.19
CA TYR A 155 8.96 18.44 -12.15
C TYR A 155 9.30 19.81 -11.55
N ASN A 156 9.49 20.78 -12.44
CA ASN A 156 9.67 22.17 -12.02
C ASN A 156 8.58 23.05 -12.63
N LYS A 157 8.04 22.60 -13.75
CA LYS A 157 6.97 23.31 -14.45
C LYS A 157 5.87 22.33 -14.88
N GLU A 158 4.69 22.86 -15.16
CA GLU A 158 3.54 22.03 -15.54
C GLU A 158 3.80 21.26 -16.83
N LYS A 159 4.40 21.95 -17.80
CA LYS A 159 4.69 21.35 -19.11
C LYS A 159 5.59 20.13 -18.97
N GLU A 160 6.45 20.16 -17.96
CA GLU A 160 7.41 19.09 -17.73
C GLU A 160 6.73 17.79 -17.29
N TYR A 161 5.88 17.86 -16.28
CA TYR A 161 5.23 16.64 -15.79
C TYR A 161 4.20 16.06 -16.75
N LEU A 162 3.59 16.92 -17.56
CA LEU A 162 2.61 16.46 -18.55
C LEU A 162 3.30 15.62 -19.63
N GLN A 163 4.52 16.00 -19.98
CA GLN A 163 5.29 15.25 -20.97
C GLN A 163 5.80 13.94 -20.41
N LYS A 164 6.27 14.00 -19.17
CA LYS A 164 6.77 12.82 -18.51
C LYS A 164 5.63 11.83 -18.27
N LEU A 165 4.45 12.36 -17.96
CA LEU A 165 3.29 11.52 -17.71
C LEU A 165 2.82 10.84 -19.00
N ASP A 166 3.00 11.54 -20.13
CA ASP A 166 2.65 11.00 -21.43
C ASP A 166 3.57 9.83 -21.77
N LEU A 167 4.84 9.95 -21.41
CA LEU A 167 5.81 8.89 -21.62
C LEU A 167 5.47 7.65 -20.80
N TYR A 168 5.19 7.85 -19.52
CA TYR A 168 4.86 6.75 -18.61
C TYR A 168 3.51 6.11 -18.95
N LYS B 26 -2.99 -7.20 23.05
CA LYS B 26 -2.38 -7.42 21.74
C LYS B 26 -1.32 -6.36 21.45
N ARG B 27 -1.12 -6.08 20.16
CA ARG B 27 -0.14 -5.08 19.74
C ARG B 27 -0.83 -3.80 19.26
N VAL B 28 -0.33 -2.66 19.72
CA VAL B 28 -0.92 -1.37 19.36
C VAL B 28 0.10 -0.46 18.65
N PHE B 29 -0.32 0.13 17.54
CA PHE B 29 0.54 1.06 16.82
C PHE B 29 0.21 2.51 17.16
N LEU B 30 1.22 3.25 17.55
CA LEU B 30 1.07 4.67 17.88
C LEU B 30 1.70 5.53 16.80
N ALA B 31 0.87 6.16 15.98
CA ALA B 31 1.35 7.01 14.89
C ALA B 31 1.83 8.36 15.41
N ALA B 32 3.10 8.40 15.82
CA ALA B 32 3.69 9.64 16.33
C ALA B 32 5.22 9.56 16.30
N MET B 45 6.19 23.52 23.69
CA MET B 45 7.41 23.18 22.98
C MET B 45 7.38 21.74 22.48
N LYS B 46 8.50 21.28 21.95
CA LYS B 46 8.61 19.90 21.48
C LYS B 46 8.81 18.94 22.64
N GLU B 47 9.25 19.48 23.78
CA GLU B 47 9.43 18.72 25.00
C GLU B 47 8.09 18.19 25.50
N GLN B 48 7.04 18.96 25.24
CA GLN B 48 5.69 18.61 25.66
C GLN B 48 5.13 17.47 24.83
N GLU B 49 5.52 17.40 23.57
CA GLU B 49 5.06 16.34 22.68
C GLU B 49 5.71 15.00 23.05
N LYS B 50 6.99 15.05 23.39
CA LYS B 50 7.73 13.85 23.79
C LYS B 50 7.20 13.30 25.11
N LYS B 51 6.85 14.20 26.02
CA LYS B 51 6.32 13.80 27.32
C LYS B 51 4.96 13.12 27.19
N ARG B 52 4.10 13.69 26.34
CA ARG B 52 2.76 13.15 26.13
C ARG B 52 2.79 11.78 25.47
N ILE B 53 3.79 11.52 24.65
CA ILE B 53 3.92 10.23 23.99
C ILE B 53 4.40 9.16 24.96
N GLU B 54 5.44 9.48 25.73
CA GLU B 54 5.96 8.54 26.72
C GLU B 54 4.93 8.18 27.79
N ASP B 55 4.08 9.14 28.13
CA ASP B 55 3.00 8.89 29.08
C ASP B 55 1.98 7.94 28.47
N LEU B 56 1.76 8.06 27.16
CA LEU B 56 0.78 7.25 26.47
C LEU B 56 1.25 5.81 26.29
N ILE B 57 2.52 5.65 25.93
CA ILE B 57 3.11 4.32 25.77
C ILE B 57 3.08 3.56 27.09
N LEU B 58 3.45 4.26 28.16
CA LEU B 58 3.38 3.72 29.51
C LEU B 58 1.96 3.31 29.88
N PHE B 59 1.03 4.20 29.59
CA PHE B 59 -0.38 3.96 29.87
C PHE B 59 -0.89 2.72 29.16
N LEU B 60 -0.49 2.57 27.89
CA LEU B 60 -0.90 1.43 27.09
C LEU B 60 -0.27 0.13 27.60
N GLU B 61 1.03 0.17 27.86
CA GLU B 61 1.76 -1.01 28.32
C GLU B 61 1.25 -1.52 29.66
N GLU B 62 0.81 -0.62 30.53
CA GLU B 62 0.31 -0.99 31.84
C GLU B 62 -1.10 -1.58 31.77
N LYS B 63 -1.73 -1.48 30.60
CA LYS B 63 -3.02 -2.10 30.38
C LYS B 63 -2.86 -3.42 29.62
N GLY B 64 -1.61 -3.83 29.43
CA GLY B 64 -1.30 -5.10 28.80
C GLY B 64 -1.05 -5.02 27.31
N TRP B 65 -0.88 -3.81 26.80
CA TRP B 65 -0.65 -3.62 25.36
C TRP B 65 0.83 -3.66 25.01
N GLU B 66 1.11 -3.99 23.76
CA GLU B 66 2.48 -3.99 23.25
C GLU B 66 2.61 -2.94 22.14
N VAL B 67 3.35 -1.87 22.43
CA VAL B 67 3.51 -0.78 21.47
C VAL B 67 4.59 -1.10 20.43
N ASP B 68 4.22 -0.96 19.16
CA ASP B 68 5.13 -1.30 18.06
C ASP B 68 6.14 -0.20 17.72
N ASN B 69 6.98 0.16 18.68
CA ASN B 69 8.13 1.00 18.39
C ASN B 69 9.41 0.19 18.17
N ALA B 70 9.58 -0.85 18.98
CA ALA B 70 10.75 -1.72 18.89
C ALA B 70 10.38 -3.13 18.45
N PHE B 80 19.26 5.33 13.08
CA PHE B 80 19.82 5.51 11.74
C PHE B 80 19.24 4.51 10.76
N MET B 81 18.31 4.98 9.94
CA MET B 81 17.77 4.16 8.85
C MET B 81 17.21 5.01 7.72
N SER B 82 16.91 4.35 6.61
CA SER B 82 16.49 5.02 5.39
C SER B 82 14.98 5.12 5.30
N PRO B 83 14.47 6.09 4.51
CA PRO B 83 13.04 6.20 4.26
C PRO B 83 12.44 4.92 3.70
N ASP B 84 13.22 4.17 2.93
CA ASP B 84 12.77 2.90 2.39
C ASP B 84 12.50 1.88 3.49
N GLN B 85 13.35 1.90 4.52
CA GLN B 85 13.21 0.97 5.63
C GLN B 85 12.17 1.43 6.64
N CYS B 86 12.16 2.74 6.91
CA CYS B 86 11.20 3.31 7.85
C CYS B 86 9.77 3.14 7.37
N THR B 87 9.55 3.34 6.07
CA THR B 87 8.23 3.16 5.48
C THR B 87 7.82 1.69 5.52
N LYS B 88 8.81 0.82 5.31
CA LYS B 88 8.58 -0.62 5.31
C LYS B 88 8.23 -1.12 6.70
N LEU B 89 8.89 -0.58 7.72
CA LEU B 89 8.67 -0.99 9.10
C LEU B 89 7.30 -0.56 9.64
N ASP B 90 6.94 0.70 9.37
CA ASP B 90 5.66 1.23 9.82
C ASP B 90 4.48 0.48 9.23
N TYR B 91 4.58 0.20 7.93
CA TYR B 91 3.51 -0.50 7.22
C TYR B 91 3.24 -1.88 7.80
N ASP B 92 4.31 -2.64 8.04
CA ASP B 92 4.19 -3.97 8.60
C ASP B 92 3.71 -3.93 10.04
N ALA B 93 4.17 -2.93 10.80
CA ALA B 93 3.76 -2.76 12.19
C ALA B 93 2.27 -2.46 12.27
N ILE B 94 1.78 -1.63 11.35
CA ILE B 94 0.36 -1.29 11.28
C ILE B 94 -0.44 -2.49 10.79
N LYS B 95 0.16 -3.24 9.86
CA LYS B 95 -0.47 -4.43 9.30
C LYS B 95 -0.67 -5.50 10.38
N GLU B 96 0.24 -5.51 11.36
CA GLU B 96 0.24 -6.54 12.39
C GLU B 96 -0.49 -6.11 13.67
N CYS B 97 -0.68 -4.81 13.85
CA CYS B 97 -1.29 -4.30 15.07
C CYS B 97 -2.77 -4.66 15.16
N ASP B 98 -3.33 -4.56 16.36
CA ASP B 98 -4.74 -4.81 16.59
C ASP B 98 -5.47 -3.50 16.85
N LEU B 99 -4.72 -2.49 17.25
CA LEU B 99 -5.28 -1.18 17.55
C LEU B 99 -4.38 -0.08 16.99
N PHE B 100 -5.00 0.93 16.39
CA PHE B 100 -4.27 2.06 15.80
C PHE B 100 -4.65 3.37 16.47
N ILE B 101 -3.66 4.06 17.01
CA ILE B 101 -3.89 5.34 17.68
C ILE B 101 -3.06 6.45 17.03
N ALA B 102 -3.69 7.57 16.72
CA ALA B 102 -3.01 8.68 16.06
C ALA B 102 -3.44 10.04 16.59
N PHE B 103 -2.63 11.06 16.31
CA PHE B 103 -2.94 12.42 16.73
C PHE B 103 -3.07 13.37 15.53
N PRO B 104 -4.23 13.34 14.84
CA PRO B 104 -4.46 14.26 13.73
C PRO B 104 -4.54 15.71 14.22
N GLY B 105 -4.04 16.64 13.43
CA GLY B 105 -4.10 18.05 13.80
C GLY B 105 -3.17 18.96 13.02
N VAL B 106 -2.93 20.14 13.57
CA VAL B 106 -2.08 21.15 12.93
C VAL B 106 -0.84 21.38 13.80
N PRO B 107 0.36 21.37 13.18
CA PRO B 107 0.65 21.21 11.75
C PRO B 107 0.42 19.80 11.24
N VAL B 108 -0.15 19.69 10.04
CA VAL B 108 -0.50 18.41 9.45
C VAL B 108 0.72 17.57 9.13
N SER B 109 0.79 16.38 9.74
CA SER B 109 1.87 15.45 9.47
C SER B 109 1.50 14.55 8.28
N PRO B 110 2.31 14.61 7.21
CA PRO B 110 2.10 13.79 6.02
C PRO B 110 2.14 12.31 6.33
N GLY B 111 3.15 11.88 7.08
CA GLY B 111 3.34 10.48 7.41
C GLY B 111 2.21 9.92 8.23
N THR B 112 1.74 10.69 9.22
CA THR B 112 0.66 10.24 10.09
C THR B 112 -0.62 9.98 9.30
N HIS B 113 -0.98 10.91 8.42
CA HIS B 113 -2.20 10.79 7.63
C HIS B 113 -2.15 9.64 6.62
N ILE B 114 -0.95 9.35 6.10
CA ILE B 114 -0.77 8.20 5.23
C ILE B 114 -1.03 6.93 6.03
N GLU B 115 -0.46 6.87 7.23
CA GLU B 115 -0.63 5.74 8.12
C GLU B 115 -2.09 5.55 8.53
N ILE B 116 -2.81 6.66 8.68
CA ILE B 116 -4.24 6.62 8.94
C ILE B 116 -4.96 5.98 7.77
N GLY B 117 -4.56 6.35 6.56
CA GLY B 117 -5.10 5.77 5.35
C GLY B 117 -4.76 4.30 5.25
N TRP B 118 -3.55 3.94 5.69
CA TRP B 118 -3.14 2.55 5.73
C TRP B 118 -4.04 1.73 6.66
N ALA B 119 -4.18 2.21 7.89
CA ALA B 119 -4.97 1.51 8.90
C ALA B 119 -6.44 1.36 8.52
N SER B 120 -7.01 2.42 7.95
CA SER B 120 -8.41 2.42 7.58
C SER B 120 -8.70 1.47 6.42
N ALA B 121 -7.78 1.42 5.46
CA ALA B 121 -7.95 0.55 4.30
C ALA B 121 -7.76 -0.92 4.67
N MET B 122 -6.89 -1.18 5.64
CA MET B 122 -6.66 -2.55 6.11
C MET B 122 -7.81 -3.03 7.00
N GLY B 123 -8.63 -2.09 7.46
CA GLY B 123 -9.75 -2.42 8.33
C GLY B 123 -9.33 -2.58 9.77
N LYS B 124 -8.33 -1.82 10.18
CA LYS B 124 -7.83 -1.87 11.55
C LYS B 124 -8.74 -1.08 12.50
N LYS B 125 -8.56 -1.29 13.79
CA LYS B 125 -9.30 -0.56 14.81
C LYS B 125 -8.60 0.75 15.09
N ILE B 126 -9.23 1.86 14.70
CA ILE B 126 -8.60 3.17 14.78
C ILE B 126 -9.18 4.04 15.90
N ILE B 127 -8.28 4.65 16.68
CA ILE B 127 -8.68 5.65 17.66
C ILE B 127 -8.01 6.97 17.33
N LEU B 128 -8.82 7.99 17.04
CA LEU B 128 -8.28 9.30 16.69
C LEU B 128 -8.47 10.30 17.83
N LEU B 129 -7.34 10.82 18.33
CA LEU B 129 -7.37 11.78 19.41
C LEU B 129 -7.26 13.21 18.87
N LEU B 130 -8.39 13.90 18.79
CA LEU B 130 -8.41 15.25 18.22
C LEU B 130 -8.58 16.32 19.30
N ALA B 131 -7.76 17.37 19.21
CA ALA B 131 -7.88 18.50 20.11
C ALA B 131 -8.87 19.51 19.56
N GLU B 132 -9.75 20.02 20.43
CA GLU B 132 -10.70 21.04 20.01
C GLU B 132 -9.98 22.37 19.83
N LYS B 133 -10.04 22.93 18.62
CA LYS B 133 -10.80 22.34 17.51
C LYS B 133 -9.86 21.93 16.37
N GLU B 134 -10.17 20.83 15.69
CA GLU B 134 -11.34 19.99 16.00
C GLU B 134 -11.01 18.52 15.79
N ASN B 136 -12.91 23.35 12.73
CA ASN B 136 -13.22 22.08 12.05
C ASN B 136 -12.01 21.51 11.32
N TYR B 137 -11.76 20.22 11.51
CA TYR B 137 -10.63 19.56 10.86
C TYR B 137 -11.01 19.07 9.46
N ALA B 138 -10.21 18.16 8.92
CA ALA B 138 -10.40 17.67 7.56
C ALA B 138 -11.70 16.89 7.38
N TYR B 139 -12.23 16.93 6.17
CA TYR B 139 -13.46 16.21 5.83
C TYR B 139 -13.29 14.70 5.95
N LEU B 140 -12.17 14.19 5.45
CA LEU B 140 -11.90 12.75 5.45
C LEU B 140 -11.62 12.22 6.85
N ILE B 141 -11.22 13.10 7.75
CA ILE B 141 -11.02 12.71 9.15
C ILE B 141 -12.35 12.56 9.85
N ARG B 142 -13.23 13.55 9.68
CA ARG B 142 -14.52 13.57 10.35
C ARG B 142 -15.48 12.51 9.81
N GLY B 143 -15.25 12.06 8.58
CA GLY B 143 -16.11 11.07 7.95
C GLY B 143 -15.46 9.72 7.79
N LEU B 144 -14.31 9.54 8.44
CA LEU B 144 -13.53 8.31 8.31
C LEU B 144 -14.26 7.11 8.92
N HIS B 145 -15.16 7.39 9.87
CA HIS B 145 -15.87 6.35 10.61
C HIS B 145 -16.80 5.54 9.70
N THR B 146 -17.25 6.15 8.61
CA THR B 146 -18.19 5.50 7.70
C THR B 146 -17.49 4.44 6.84
N VAL B 147 -16.18 4.35 6.96
CA VAL B 147 -15.39 3.49 6.10
C VAL B 147 -14.62 2.43 6.87
N SER B 148 -14.22 2.75 8.09
CA SER B 148 -13.51 1.81 8.94
C SER B 148 -13.90 2.03 10.39
N ASN B 149 -13.56 1.07 11.23
CA ASN B 149 -13.88 1.16 12.66
C ASN B 149 -13.07 2.26 13.32
N VAL B 150 -13.67 3.45 13.42
CA VAL B 150 -12.97 4.60 13.97
C VAL B 150 -13.71 5.16 15.19
N HIS B 151 -12.97 5.34 16.28
CA HIS B 151 -13.52 5.96 17.49
C HIS B 151 -12.80 7.27 17.80
N TYR B 152 -13.56 8.36 17.84
CA TYR B 152 -12.98 9.67 18.08
C TYR B 152 -12.97 10.00 19.58
N ILE B 153 -11.91 10.66 20.01
CA ILE B 153 -11.82 11.14 21.39
C ILE B 153 -11.38 12.60 21.39
N ILE B 154 -12.31 13.48 21.73
CA ILE B 154 -12.03 14.91 21.75
C ILE B 154 -11.51 15.32 23.13
N TYR B 155 -10.44 16.12 23.14
CA TYR B 155 -9.81 16.52 24.39
C TYR B 155 -9.35 17.97 24.34
N ASN B 156 -9.10 18.54 25.52
CA ASN B 156 -8.52 19.87 25.63
C ASN B 156 -7.19 19.79 26.39
N LYS B 157 -7.07 18.76 27.22
CA LYS B 157 -5.85 18.55 28.02
C LYS B 157 -5.45 17.07 27.95
N GLU B 158 -4.19 16.79 28.28
CA GLU B 158 -3.67 15.43 28.23
C GLU B 158 -4.40 14.50 29.19
N LYS B 159 -4.67 15.00 30.40
CA LYS B 159 -5.34 14.22 31.44
C LYS B 159 -6.72 13.76 30.97
N GLU B 160 -7.34 14.57 30.13
CA GLU B 160 -8.69 14.29 29.64
C GLU B 160 -8.72 13.08 28.71
N TYR B 161 -7.85 13.06 27.71
CA TYR B 161 -7.87 11.95 26.76
C TYR B 161 -7.39 10.63 27.35
N LEU B 162 -6.50 10.71 28.35
CA LEU B 162 -6.00 9.51 29.01
C LEU B 162 -7.11 8.80 29.78
N GLN B 163 -8.00 9.60 30.36
CA GLN B 163 -9.13 9.07 31.11
C GLN B 163 -10.17 8.48 30.19
N LYS B 164 -10.44 9.20 29.10
CA LYS B 164 -11.40 8.75 28.11
C LYS B 164 -10.90 7.48 27.44
N LEU B 165 -9.59 7.41 27.22
CA LEU B 165 -9.00 6.25 26.58
C LEU B 165 -9.06 5.03 27.49
N ASP B 166 -8.97 5.28 28.80
CA ASP B 166 -9.08 4.21 29.79
C ASP B 166 -10.48 3.64 29.80
N LEU B 167 -11.47 4.50 29.63
CA LEU B 167 -12.87 4.09 29.57
C LEU B 167 -13.13 3.23 28.33
N TYR B 168 -12.75 3.76 27.16
CA TYR B 168 -12.88 3.02 25.91
C TYR B 168 -11.68 2.10 25.73
N LEU B 169 -11.59 1.07 26.57
CA LEU B 169 -10.55 0.05 26.46
C LEU B 169 -10.88 -1.16 27.32
N LYS C 26 5.65 -8.36 -19.71
CA LYS C 26 4.33 -8.81 -20.12
C LYS C 26 3.49 -9.23 -18.91
N ARG C 27 3.04 -10.48 -18.92
CA ARG C 27 2.21 -11.00 -17.83
C ARG C 27 2.84 -12.24 -17.21
N VAL C 28 2.83 -12.29 -15.87
CA VAL C 28 3.42 -13.42 -15.15
C VAL C 28 2.40 -14.10 -14.24
N PHE C 29 2.39 -15.43 -14.26
CA PHE C 29 1.54 -16.21 -13.37
C PHE C 29 2.35 -16.66 -12.16
N LEU C 30 1.76 -16.52 -10.97
CA LEU C 30 2.44 -16.92 -9.74
C LEU C 30 1.70 -18.06 -9.04
N ALA C 31 2.32 -19.23 -9.02
CA ALA C 31 1.73 -20.41 -8.42
C ALA C 31 2.21 -20.61 -6.98
N ALA C 32 1.35 -20.27 -6.03
CA ALA C 32 1.68 -20.42 -4.61
C ALA C 32 0.42 -20.60 -3.77
N GLN C 48 4.38 -15.71 7.27
CA GLN C 48 5.64 -15.62 6.56
C GLN C 48 5.46 -15.92 5.07
N GLU C 49 4.55 -16.83 4.77
CA GLU C 49 4.27 -17.19 3.39
C GLU C 49 3.53 -16.07 2.66
N LYS C 50 2.59 -15.44 3.36
CA LYS C 50 1.82 -14.34 2.81
C LYS C 50 2.72 -13.12 2.55
N LYS C 51 3.66 -12.89 3.45
CA LYS C 51 4.59 -11.76 3.33
C LYS C 51 5.51 -11.96 2.13
N ARG C 52 6.01 -13.17 1.95
CA ARG C 52 6.93 -13.47 0.86
C ARG C 52 6.26 -13.37 -0.51
N ILE C 53 4.97 -13.64 -0.55
CA ILE C 53 4.22 -13.55 -1.80
C ILE C 53 3.95 -12.09 -2.19
N GLU C 54 3.51 -11.30 -1.21
CA GLU C 54 3.24 -9.89 -1.45
C GLU C 54 4.50 -9.13 -1.84
N ASP C 55 5.64 -9.53 -1.29
CA ASP C 55 6.92 -8.94 -1.65
C ASP C 55 7.28 -9.28 -3.09
N LEU C 56 6.91 -10.50 -3.51
CA LEU C 56 7.22 -10.98 -4.85
C LEU C 56 6.36 -10.31 -5.91
N ILE C 57 5.07 -10.16 -5.63
CA ILE C 57 4.15 -9.51 -6.54
C ILE C 57 4.57 -8.05 -6.76
N LEU C 58 4.90 -7.38 -5.66
CA LEU C 58 5.42 -6.03 -5.71
C LEU C 58 6.69 -5.93 -6.53
N PHE C 59 7.60 -6.87 -6.27
CA PHE C 59 8.87 -6.92 -6.98
C PHE C 59 8.66 -7.08 -8.48
N LEU C 60 7.72 -7.95 -8.85
CA LEU C 60 7.41 -8.18 -10.26
C LEU C 60 6.76 -6.97 -10.91
N GLU C 61 5.78 -6.40 -10.23
CA GLU C 61 5.04 -5.25 -10.76
C GLU C 61 5.93 -4.04 -10.97
N GLU C 62 6.93 -3.87 -10.12
CA GLU C 62 7.85 -2.74 -10.21
C GLU C 62 8.87 -2.92 -11.32
N LYS C 63 8.91 -4.11 -11.90
CA LYS C 63 9.77 -4.37 -13.06
C LYS C 63 8.94 -4.35 -14.34
N GLY C 64 7.68 -3.96 -14.21
CA GLY C 64 6.81 -3.79 -15.35
C GLY C 64 5.94 -5.00 -15.68
N TRP C 65 5.89 -5.95 -14.75
CA TRP C 65 5.11 -7.17 -14.96
C TRP C 65 3.68 -7.02 -14.48
N GLU C 66 2.78 -7.83 -15.04
CA GLU C 66 1.39 -7.87 -14.62
C GLU C 66 1.06 -9.24 -14.05
N VAL C 67 0.83 -9.30 -12.74
CA VAL C 67 0.57 -10.56 -12.07
C VAL C 67 -0.90 -10.97 -12.22
N ASP C 68 -1.13 -12.19 -12.71
CA ASP C 68 -2.47 -12.70 -12.93
C ASP C 68 -3.09 -13.26 -11.66
N SER C 82 -16.14 -21.54 -6.88
CA SER C 82 -16.18 -22.99 -6.92
C SER C 82 -14.88 -23.55 -7.53
N PRO C 83 -14.55 -24.81 -7.19
CA PRO C 83 -13.39 -25.49 -7.78
C PRO C 83 -13.47 -25.52 -9.31
N ASP C 84 -14.67 -25.58 -9.85
CA ASP C 84 -14.88 -25.56 -11.29
C ASP C 84 -14.42 -24.24 -11.90
N GLN C 85 -14.68 -23.15 -11.19
CA GLN C 85 -14.32 -21.82 -11.66
C GLN C 85 -12.85 -21.50 -11.38
N CYS C 86 -12.38 -21.89 -10.21
CA CYS C 86 -10.99 -21.65 -9.83
C CYS C 86 -10.01 -22.38 -10.75
N THR C 87 -10.36 -23.62 -11.10
CA THR C 87 -9.53 -24.41 -12.01
C THR C 87 -9.55 -23.80 -13.41
N LYS C 88 -10.71 -23.27 -13.79
CA LYS C 88 -10.90 -22.66 -15.09
C LYS C 88 -10.11 -21.36 -15.21
N LEU C 89 -10.09 -20.59 -14.13
CA LEU C 89 -9.39 -19.31 -14.12
C LEU C 89 -7.88 -19.45 -14.16
N ASP C 90 -7.35 -20.37 -13.35
CA ASP C 90 -5.91 -20.61 -13.30
C ASP C 90 -5.37 -21.09 -14.64
N TYR C 91 -6.09 -22.02 -15.26
CA TYR C 91 -5.68 -22.59 -16.54
C TYR C 91 -5.56 -21.52 -17.62
N ASP C 92 -6.57 -20.66 -17.72
CA ASP C 92 -6.57 -19.59 -18.71
C ASP C 92 -5.51 -18.54 -18.40
N ALA C 93 -5.30 -18.26 -17.12
CA ALA C 93 -4.29 -17.31 -16.69
C ALA C 93 -2.89 -17.80 -17.05
N ILE C 94 -2.66 -19.09 -16.86
CA ILE C 94 -1.39 -19.72 -17.22
C ILE C 94 -1.24 -19.79 -18.73
N LYS C 95 -2.35 -20.05 -19.41
CA LYS C 95 -2.38 -20.12 -20.87
C LYS C 95 -2.02 -18.78 -21.48
N GLU C 96 -2.37 -17.70 -20.79
CA GLU C 96 -2.17 -16.35 -21.32
C GLU C 96 -0.88 -15.70 -20.84
N CYS C 97 -0.29 -16.22 -19.77
CA CYS C 97 0.92 -15.62 -19.20
C CYS C 97 2.12 -15.79 -20.11
N ASP C 98 3.16 -15.00 -19.87
CA ASP C 98 4.41 -15.10 -20.62
C ASP C 98 5.49 -15.69 -19.74
N LEU C 99 5.29 -15.62 -18.42
CA LEU C 99 6.25 -16.16 -17.47
C LEU C 99 5.53 -16.89 -16.34
N PHE C 100 6.06 -18.05 -15.95
CA PHE C 100 5.46 -18.85 -14.90
C PHE C 100 6.43 -19.03 -13.74
N ILE C 101 6.00 -18.63 -12.54
CA ILE C 101 6.84 -18.74 -11.34
C ILE C 101 6.12 -19.56 -10.27
N ALA C 102 6.82 -20.53 -9.70
CA ALA C 102 6.24 -21.41 -8.70
C ALA C 102 7.21 -21.73 -7.57
N PHE C 103 6.66 -22.22 -6.45
CA PHE C 103 7.46 -22.61 -5.30
C PHE C 103 7.29 -24.08 -4.95
N PRO C 104 7.97 -24.97 -5.70
CA PRO C 104 7.92 -26.41 -5.39
C PRO C 104 8.58 -26.70 -4.05
N GLY C 105 8.05 -27.66 -3.30
CA GLY C 105 8.64 -28.03 -2.03
C GLY C 105 7.73 -28.85 -1.12
N VAL C 106 8.09 -28.88 0.16
CA VAL C 106 7.34 -29.64 1.16
C VAL C 106 6.72 -28.68 2.17
N PRO C 107 5.41 -28.85 2.48
CA PRO C 107 4.49 -29.88 1.99
C PRO C 107 4.09 -29.70 0.53
N VAL C 108 4.01 -30.81 -0.19
CA VAL C 108 3.73 -30.80 -1.61
C VAL C 108 2.31 -30.32 -1.91
N SER C 109 2.21 -29.24 -2.68
CA SER C 109 0.92 -28.71 -3.09
C SER C 109 0.47 -29.37 -4.39
N PRO C 110 -0.67 -30.07 -4.34
CA PRO C 110 -1.24 -30.74 -5.52
C PRO C 110 -1.53 -29.76 -6.64
N GLY C 111 -2.18 -28.65 -6.32
CA GLY C 111 -2.56 -27.65 -7.30
C GLY C 111 -1.37 -27.02 -8.00
N THR C 112 -0.34 -26.71 -7.23
CA THR C 112 0.87 -26.08 -7.77
C THR C 112 1.54 -26.98 -8.80
N HIS C 113 1.70 -28.25 -8.47
CA HIS C 113 2.37 -29.20 -9.36
C HIS C 113 1.57 -29.48 -10.64
N ILE C 114 0.25 -29.44 -10.53
CA ILE C 114 -0.60 -29.57 -11.71
C ILE C 114 -0.37 -28.37 -12.62
N GLU C 115 -0.33 -27.19 -12.03
CA GLU C 115 -0.09 -25.95 -12.76
C GLU C 115 1.29 -25.95 -13.41
N ILE C 116 2.26 -26.55 -12.74
CA ILE C 116 3.60 -26.72 -13.29
C ILE C 116 3.53 -27.60 -14.54
N GLY C 117 2.75 -28.68 -14.44
CA GLY C 117 2.51 -29.56 -15.57
C GLY C 117 1.79 -28.85 -16.69
N TRP C 118 0.86 -27.97 -16.33
CA TRP C 118 0.15 -27.16 -17.31
C TRP C 118 1.13 -26.26 -18.07
N ALA C 119 1.92 -25.50 -17.33
CA ALA C 119 2.86 -24.55 -17.92
C ALA C 119 3.91 -25.22 -18.80
N SER C 120 4.43 -26.35 -18.34
CA SER C 120 5.47 -27.07 -19.07
C SER C 120 4.95 -27.67 -20.38
N ALA C 121 3.72 -28.19 -20.34
CA ALA C 121 3.11 -28.79 -21.52
C ALA C 121 2.73 -27.73 -22.56
N MET C 122 2.36 -26.55 -22.10
CA MET C 122 2.01 -25.45 -22.99
C MET C 122 3.26 -24.81 -23.59
N GLY C 123 4.41 -25.10 -23.01
CA GLY C 123 5.67 -24.55 -23.48
C GLY C 123 5.91 -23.14 -22.96
N LYS C 124 5.43 -22.87 -21.74
CA LYS C 124 5.61 -21.57 -21.13
C LYS C 124 7.00 -21.41 -20.54
N LYS C 125 7.36 -20.17 -20.22
CA LYS C 125 8.64 -19.88 -19.58
C LYS C 125 8.52 -20.08 -18.07
N ILE C 126 9.18 -21.10 -17.55
CA ILE C 126 9.02 -21.48 -16.15
C ILE C 126 10.24 -21.12 -15.30
N ILE C 127 9.98 -20.50 -14.15
CA ILE C 127 11.01 -20.27 -13.15
C ILE C 127 10.64 -20.97 -11.86
N LEU C 128 11.47 -21.93 -11.44
CA LEU C 128 11.21 -22.69 -10.23
C LEU C 128 12.13 -22.27 -9.09
N LEU C 129 11.53 -21.78 -8.01
CA LEU C 129 12.29 -21.32 -6.85
C LEU C 129 12.31 -22.42 -5.78
N LEU C 130 13.42 -23.14 -5.70
CA LEU C 130 13.55 -24.26 -4.77
C LEU C 130 14.46 -23.92 -3.59
N ALA C 131 13.99 -24.25 -2.39
CA ALA C 131 14.79 -24.06 -1.19
C ALA C 131 15.67 -25.28 -0.96
N GLU C 132 16.94 -25.03 -0.65
CA GLU C 132 17.94 -26.10 -0.54
C GLU C 132 17.89 -26.82 0.81
N LYS C 133 16.68 -27.19 1.25
CA LYS C 133 16.51 -27.94 2.49
C LYS C 133 16.58 -29.44 2.20
N GLU C 134 16.92 -30.22 3.21
CA GLU C 134 17.03 -31.67 3.07
C GLU C 134 15.66 -32.31 2.88
N ASN C 136 17.02 -33.68 -1.37
CA ASN C 136 16.67 -33.54 -2.78
C ASN C 136 15.16 -33.47 -2.99
N TYR C 137 14.74 -33.16 -4.21
CA TYR C 137 13.32 -33.06 -4.52
C TYR C 137 12.91 -34.11 -5.55
N ALA C 138 11.74 -33.90 -6.16
CA ALA C 138 11.17 -34.85 -7.11
C ALA C 138 12.01 -35.01 -8.37
N TYR C 139 11.92 -36.19 -8.98
CA TYR C 139 12.65 -36.48 -10.21
C TYR C 139 12.15 -35.61 -11.37
N LEU C 140 10.84 -35.48 -11.47
CA LEU C 140 10.23 -34.72 -12.57
C LEU C 140 10.47 -33.23 -12.45
N ILE C 141 10.76 -32.77 -11.24
CA ILE C 141 11.09 -31.37 -11.01
C ILE C 141 12.52 -31.09 -11.49
N ARG C 142 13.45 -31.95 -11.07
CA ARG C 142 14.87 -31.78 -11.40
C ARG C 142 15.16 -32.00 -12.88
N GLY C 143 14.30 -32.74 -13.56
CA GLY C 143 14.50 -33.04 -14.97
C GLY C 143 13.51 -32.35 -15.89
N LEU C 144 12.76 -31.40 -15.33
CA LEU C 144 11.73 -30.71 -16.08
C LEU C 144 12.31 -29.84 -17.19
N HIS C 145 13.56 -29.44 -17.02
CA HIS C 145 14.23 -28.54 -17.97
C HIS C 145 14.42 -29.17 -19.34
N THR C 146 14.47 -30.50 -19.38
CA THR C 146 14.70 -31.21 -20.64
C THR C 146 13.45 -31.24 -21.50
N VAL C 147 12.35 -30.71 -20.98
CA VAL C 147 11.06 -30.81 -21.65
C VAL C 147 10.46 -29.44 -21.97
N SER C 148 10.75 -28.47 -21.12
CA SER C 148 10.27 -27.11 -21.33
C SER C 148 11.31 -26.11 -20.83
N ASN C 149 11.14 -24.85 -21.22
CA ASN C 149 12.06 -23.81 -20.81
C ASN C 149 11.96 -23.53 -19.32
N VAL C 150 12.82 -24.18 -18.53
CA VAL C 150 12.79 -24.07 -17.08
C VAL C 150 14.10 -23.53 -16.52
N HIS C 151 13.99 -22.50 -15.69
CA HIS C 151 15.16 -21.94 -15.02
C HIS C 151 15.03 -22.09 -13.51
N TYR C 152 15.98 -22.80 -12.90
CA TYR C 152 15.95 -23.05 -11.47
C TYR C 152 16.68 -21.96 -10.70
N ILE C 153 16.14 -21.59 -9.54
CA ILE C 153 16.80 -20.65 -8.65
C ILE C 153 16.81 -21.22 -7.23
N ILE C 154 17.99 -21.62 -6.77
CA ILE C 154 18.14 -22.19 -5.45
C ILE C 154 18.41 -21.09 -4.42
N TYR C 155 17.71 -21.15 -3.29
CA TYR C 155 17.83 -20.13 -2.27
C TYR C 155 17.79 -20.72 -0.87
N ASN C 156 18.24 -19.93 0.11
CA ASN C 156 18.14 -20.29 1.50
C ASN C 156 17.32 -19.24 2.26
N LYS C 157 17.31 -18.03 1.73
CA LYS C 157 16.58 -16.92 2.32
C LYS C 157 15.81 -16.16 1.24
N GLU C 158 14.81 -15.39 1.65
CA GLU C 158 13.98 -14.64 0.71
C GLU C 158 14.78 -13.61 -0.08
N LYS C 159 15.67 -12.92 0.64
CA LYS C 159 16.51 -11.87 0.04
C LYS C 159 17.37 -12.44 -1.08
N GLU C 160 17.74 -13.70 -0.95
CA GLU C 160 18.60 -14.37 -1.93
C GLU C 160 17.90 -14.58 -3.27
N TYR C 161 16.70 -15.14 -3.24
CA TYR C 161 16.01 -15.43 -4.51
C TYR C 161 15.50 -14.17 -5.21
N LEU C 162 15.21 -13.12 -4.44
CA LEU C 162 14.76 -11.86 -5.01
C LEU C 162 15.88 -11.21 -5.80
N GLN C 163 17.11 -11.35 -5.33
CA GLN C 163 18.26 -10.80 -6.04
C GLN C 163 18.59 -11.60 -7.28
N LYS C 164 18.52 -12.91 -7.14
CA LYS C 164 18.79 -13.80 -8.24
C LYS C 164 17.73 -13.62 -9.33
N LEU C 165 16.49 -13.39 -8.91
CA LEU C 165 15.39 -13.21 -9.84
C LEU C 165 15.53 -11.88 -10.59
N ASP C 166 16.09 -10.89 -9.92
CA ASP C 166 16.35 -9.59 -10.52
C ASP C 166 17.41 -9.71 -11.62
N LEU C 167 18.41 -10.55 -11.36
CA LEU C 167 19.46 -10.80 -12.33
C LEU C 167 18.92 -11.52 -13.57
P PO4 D . -8.82 18.32 2.99
O1 PO4 D . -9.19 19.64 3.64
O2 PO4 D . -9.59 17.20 3.66
O3 PO4 D . -9.16 18.37 1.52
O4 PO4 D . -7.34 18.09 3.15
P PO4 E . 6.67 12.75 8.48
O1 PO4 E . 6.09 14.11 8.23
O2 PO4 E . 5.90 12.09 9.61
O3 PO4 E . 6.55 11.90 7.23
O4 PO4 E . 8.12 12.87 8.86
P PO4 F . -4.55 -26.97 -3.24
O1 PO4 F . -5.46 -25.91 -2.67
O2 PO4 F . -4.82 -28.29 -2.55
O3 PO4 F . -4.82 -27.10 -4.73
O4 PO4 F . -3.11 -26.57 -3.03
#